data_8TUR
#
_entry.id   8TUR
#
_cell.length_a   79.035
_cell.length_b   89.498
_cell.length_c   99.767
_cell.angle_alpha   90.000
_cell.angle_beta   90.000
_cell.angle_gamma   90.000
#
_symmetry.space_group_name_H-M   'P 21 21 21'
#
loop_
_entity.id
_entity.type
_entity.pdbx_description
1 polymer 'Importin subunit alpha-1'
2 polymer 'Truncated large T antigen'
3 water water
#
loop_
_entity_poly.entity_id
_entity_poly.type
_entity_poly.pdbx_seq_one_letter_code
_entity_poly.pdbx_strand_id
1 'polypeptide(L)'
;MHHHHHHSSGLVPRGSGMLETAAALFERNHMDSPDLGTDDDDLAMADIGSNQGTVNWSVEDIVKGINSNNLESQLQATQA
ARKLLSREKQPPIDNIIRAGLIPKFVSFLGKTDCSPIQFESAWALTNIASGTSEQTKAVVDGGAIPAFISLLASPHAHIS
EQAVWALGNIAGDGSAFRDLVIKHGAIDPLLALLAVPDLSTLACGYLRNLTWTLSNLCRNKNPAPPLDAVEQILPTLVRL
LHHNDPEVLADSCWAISYLTDGPNERIEMVVKKGVVPQLVKLLGATELPIVTPALRAIGNIVTGTDEQTQKVIDAGALAV
FPSLLTNPKTNIQKEATWTMSNITAGRQDQIQQVVNHGLVPFLVGVLSKADFKTQKEAAWAITNYTSGGTVEQIVYLVHC
GIIEPLMNLLSAKDTKIIQVILDAISNIFQAAEKLGETEKLSIMIEECGGLDKIEALQRHENESVYKASLNLIEKYFSVE
EEEDQNVVPETTSEGFAFQVQDGAPGTFNF
;
A
2 'polypeptide(L)' PFSRKRKFGGSRSSASSASSASFTSTPPKPKKNRE B
#
# COMPACT_ATOMS: atom_id res chain seq x y z
N GLY A 53 -11.46 17.48 -38.00
CA GLY A 53 -12.77 18.06 -37.75
C GLY A 53 -12.88 18.72 -36.39
N THR A 54 -12.52 17.97 -35.35
CA THR A 54 -12.56 18.44 -33.98
C THR A 54 -11.18 18.41 -33.33
N VAL A 55 -10.13 18.52 -34.15
CA VAL A 55 -8.74 18.40 -33.68
C VAL A 55 -8.12 19.80 -33.63
N ASN A 56 -7.43 20.09 -32.54
CA ASN A 56 -6.66 21.33 -32.38
C ASN A 56 -7.57 22.56 -32.42
N TRP A 57 -8.73 22.47 -31.79
CA TRP A 57 -9.59 23.63 -31.63
C TRP A 57 -8.98 24.60 -30.62
N SER A 58 -9.41 25.86 -30.72
CA SER A 58 -9.10 26.84 -29.70
C SER A 58 -10.19 26.83 -28.63
N VAL A 59 -9.80 27.16 -27.40
CA VAL A 59 -10.77 27.22 -26.32
C VAL A 59 -11.89 28.20 -26.66
N GLU A 60 -11.57 29.24 -27.42
CA GLU A 60 -12.58 30.21 -27.82
C GLU A 60 -13.60 29.58 -28.76
N ASP A 61 -13.12 28.79 -29.73
CA ASP A 61 -14.04 28.09 -30.63
C ASP A 61 -14.88 27.07 -29.87
N ILE A 62 -14.28 26.37 -28.90
CA ILE A 62 -15.02 25.43 -28.08
C ILE A 62 -16.14 26.16 -27.33
N VAL A 63 -15.82 27.32 -26.75
CA VAL A 63 -16.82 28.09 -26.03
C VAL A 63 -17.93 28.54 -26.97
N LYS A 64 -17.57 29.01 -28.16
CA LYS A 64 -18.59 29.41 -29.13
C LYS A 64 -19.52 28.25 -29.46
N GLY A 65 -18.95 27.07 -29.70
CA GLY A 65 -19.77 25.92 -30.05
C GLY A 65 -20.67 25.48 -28.91
N ILE A 66 -20.15 25.50 -27.69
CA ILE A 66 -20.95 25.04 -26.55
C ILE A 66 -22.02 26.06 -26.20
N ASN A 67 -21.75 27.35 -26.40
CA ASN A 67 -22.72 28.39 -26.13
C ASN A 67 -23.76 28.53 -27.23
N SER A 68 -23.58 27.87 -28.36
CA SER A 68 -24.64 27.81 -29.35
C SER A 68 -25.81 27.00 -28.81
N ASN A 69 -27.00 27.28 -29.34
CA ASN A 69 -28.20 26.55 -28.96
C ASN A 69 -28.44 25.33 -29.83
N ASN A 70 -27.37 24.71 -30.33
CA ASN A 70 -27.44 23.61 -31.28
C ASN A 70 -26.76 22.40 -30.64
N LEU A 71 -27.56 21.37 -30.33
CA LEU A 71 -27.00 20.21 -29.63
C LEU A 71 -25.86 19.58 -30.41
N GLU A 72 -25.97 19.55 -31.75
CA GLU A 72 -24.91 18.92 -32.54
C GLU A 72 -23.65 19.77 -32.54
N SER A 73 -23.78 21.10 -32.63
CA SER A 73 -22.61 21.96 -32.49
C SER A 73 -22.00 21.82 -31.10
N GLN A 74 -22.85 21.74 -30.07
CA GLN A 74 -22.35 21.52 -28.72
C GLN A 74 -21.58 20.21 -28.64
N LEU A 75 -22.07 19.17 -29.31
CA LEU A 75 -21.38 17.88 -29.29
C LEU A 75 -20.02 17.98 -29.97
N GLN A 76 -19.96 18.64 -31.13
CA GLN A 76 -18.68 18.78 -31.81
C GLN A 76 -17.69 19.57 -30.95
N ALA A 77 -18.16 20.63 -30.30
CA ALA A 77 -17.28 21.41 -29.43
C ALA A 77 -16.84 20.61 -28.21
N THR A 78 -17.73 19.79 -27.65
CA THR A 78 -17.37 18.97 -26.51
C THR A 78 -16.33 17.93 -26.90
N GLN A 79 -16.48 17.33 -28.08
CA GLN A 79 -15.47 16.39 -28.56
C GLN A 79 -14.13 17.09 -28.78
N ALA A 80 -14.17 18.32 -29.32
CA ALA A 80 -12.94 19.09 -29.47
C ALA A 80 -12.28 19.33 -28.12
N ALA A 81 -13.08 19.65 -27.10
CA ALA A 81 -12.54 19.84 -25.76
C ALA A 81 -11.93 18.56 -25.24
N ARG A 82 -12.61 17.43 -25.45
CA ARG A 82 -12.06 16.14 -25.03
C ARG A 82 -10.71 15.88 -25.69
N LYS A 83 -10.61 16.14 -26.99
CA LYS A 83 -9.36 15.90 -27.70
C LYS A 83 -8.26 16.84 -27.22
N LEU A 84 -8.62 18.07 -26.86
CA LEU A 84 -7.65 18.97 -26.26
C LEU A 84 -7.17 18.46 -24.91
N LEU A 85 -8.10 17.99 -24.07
CA LEU A 85 -7.77 17.53 -22.73
C LEU A 85 -7.14 16.14 -22.72
N SER A 86 -7.16 15.42 -23.83
CA SER A 86 -6.55 14.11 -23.92
C SER A 86 -5.25 14.12 -24.73
N ARG A 87 -4.69 15.30 -25.00
CA ARG A 87 -3.44 15.40 -25.73
C ARG A 87 -2.27 15.02 -24.83
N GLU A 88 -1.11 14.79 -25.46
CA GLU A 88 0.02 14.21 -24.75
C GLU A 88 0.58 15.18 -23.71
N LYS A 89 0.88 16.41 -24.12
CA LYS A 89 1.61 17.35 -23.28
C LYS A 89 0.78 18.60 -23.02
N GLN A 90 0.77 19.04 -21.76
CA GLN A 90 0.17 20.30 -21.34
C GLN A 90 -1.28 20.46 -21.82
N PRO A 91 -2.18 19.58 -21.40
CA PRO A 91 -3.61 19.81 -21.65
C PRO A 91 -4.06 21.09 -20.96
N PRO A 92 -4.81 21.95 -21.65
CA PRO A 92 -5.17 23.27 -21.10
C PRO A 92 -6.32 23.20 -20.09
N ILE A 93 -6.11 22.47 -19.00
CA ILE A 93 -7.17 22.26 -18.02
C ILE A 93 -7.61 23.59 -17.41
N ASP A 94 -6.65 24.39 -16.96
CA ASP A 94 -7.00 25.64 -16.29
C ASP A 94 -7.73 26.59 -17.24
N ASN A 95 -7.32 26.62 -18.52
CA ASN A 95 -8.01 27.47 -19.48
C ASN A 95 -9.45 27.00 -19.70
N ILE A 96 -9.66 25.68 -19.75
CA ILE A 96 -11.01 25.15 -19.87
C ILE A 96 -11.85 25.54 -18.66
N ILE A 97 -11.28 25.41 -17.46
CA ILE A 97 -12.02 25.78 -16.25
C ILE A 97 -12.36 27.26 -16.25
N ARG A 98 -11.39 28.10 -16.60
CA ARG A 98 -11.61 29.54 -16.60
C ARG A 98 -12.75 29.93 -17.54
N ALA A 99 -12.85 29.26 -18.69
CA ALA A 99 -13.92 29.54 -19.64
C ALA A 99 -15.30 29.15 -19.11
N GLY A 100 -15.38 28.57 -17.93
CA GLY A 100 -16.66 28.20 -17.35
C GLY A 100 -17.33 27.01 -17.98
N LEU A 101 -16.55 26.09 -18.55
CA LEU A 101 -17.12 24.98 -19.31
C LEU A 101 -17.59 23.82 -18.43
N ILE A 102 -17.08 23.70 -17.20
CA ILE A 102 -17.41 22.54 -16.38
C ILE A 102 -18.93 22.40 -16.18
N PRO A 103 -19.67 23.44 -15.81
CA PRO A 103 -21.12 23.27 -15.64
C PRO A 103 -21.82 22.81 -16.91
N LYS A 104 -21.34 23.24 -18.08
CA LYS A 104 -21.94 22.78 -19.33
C LYS A 104 -21.71 21.29 -19.53
N PHE A 105 -20.47 20.83 -19.33
CA PHE A 105 -20.20 19.41 -19.42
C PHE A 105 -21.06 18.62 -18.44
N VAL A 106 -21.20 19.12 -17.21
CA VAL A 106 -22.00 18.41 -16.21
C VAL A 106 -23.44 18.30 -16.69
N SER A 107 -24.00 19.39 -17.23
CA SER A 107 -25.35 19.34 -17.78
C SER A 107 -25.43 18.33 -18.91
N PHE A 108 -24.41 18.29 -19.78
CA PHE A 108 -24.42 17.33 -20.88
C PHE A 108 -24.42 15.90 -20.38
N LEU A 109 -23.85 15.66 -19.19
CA LEU A 109 -23.86 14.30 -18.66
C LEU A 109 -25.28 13.74 -18.55
N GLY A 110 -26.30 14.59 -18.44
CA GLY A 110 -27.66 14.12 -18.26
C GLY A 110 -28.49 14.08 -19.52
N LYS A 111 -27.84 14.14 -20.70
CA LYS A 111 -28.56 14.14 -21.98
C LYS A 111 -28.72 12.70 -22.46
N THR A 112 -29.75 12.04 -21.93
CA THR A 112 -29.97 10.64 -22.24
C THR A 112 -30.19 10.40 -23.72
N ASP A 113 -30.76 11.38 -24.43
CA ASP A 113 -31.05 11.21 -25.85
C ASP A 113 -29.84 11.47 -26.73
N CYS A 114 -28.72 11.92 -26.18
CA CYS A 114 -27.48 12.13 -26.93
C CYS A 114 -26.35 11.44 -26.17
N SER A 115 -26.31 10.11 -26.27
CA SER A 115 -25.23 9.37 -25.63
C SER A 115 -23.84 9.83 -26.09
N PRO A 116 -23.64 10.25 -27.33
CA PRO A 116 -22.30 10.75 -27.70
C PRO A 116 -21.84 11.92 -26.85
N ILE A 117 -22.71 12.90 -26.58
CA ILE A 117 -22.27 14.04 -25.80
C ILE A 117 -22.11 13.65 -24.33
N GLN A 118 -22.90 12.69 -23.85
CA GLN A 118 -22.65 12.13 -22.52
C GLN A 118 -21.24 11.58 -22.42
N PHE A 119 -20.84 10.76 -23.40
CA PHE A 119 -19.51 10.17 -23.38
C PHE A 119 -18.42 11.23 -23.51
N GLU A 120 -18.59 12.18 -24.42
CA GLU A 120 -17.56 13.19 -24.62
C GLU A 120 -17.37 14.04 -23.37
N SER A 121 -18.48 14.48 -22.77
CA SER A 121 -18.39 15.29 -21.56
C SER A 121 -17.84 14.49 -20.39
N ALA A 122 -18.22 13.20 -20.28
CA ALA A 122 -17.65 12.37 -19.23
C ALA A 122 -16.14 12.26 -19.38
N TRP A 123 -15.65 12.06 -20.60
CA TRP A 123 -14.22 11.98 -20.83
C TRP A 123 -13.52 13.29 -20.48
N ALA A 124 -14.07 14.42 -20.95
CA ALA A 124 -13.46 15.71 -20.65
C ALA A 124 -13.39 15.95 -19.14
N LEU A 125 -14.49 15.69 -18.44
CA LEU A 125 -14.51 15.90 -17.00
C LEU A 125 -13.58 14.93 -16.29
N THR A 126 -13.47 13.69 -16.80
CA THR A 126 -12.54 12.74 -16.23
C THR A 126 -11.11 13.29 -16.29
N ASN A 127 -10.74 13.85 -17.43
CA ASN A 127 -9.39 14.35 -17.58
C ASN A 127 -9.15 15.61 -16.76
N ILE A 128 -10.19 16.43 -16.57
CA ILE A 128 -10.03 17.59 -15.69
C ILE A 128 -9.85 17.13 -14.24
N ALA A 129 -10.65 16.16 -13.80
CA ALA A 129 -10.58 15.66 -12.44
C ALA A 129 -9.31 14.87 -12.16
N SER A 130 -8.54 14.51 -13.20
CA SER A 130 -7.29 13.78 -13.03
C SER A 130 -6.13 14.68 -12.63
N GLY A 131 -6.34 15.99 -12.58
CA GLY A 131 -5.24 16.92 -12.33
C GLY A 131 -5.07 17.28 -10.87
N THR A 132 -4.83 18.56 -10.61
CA THR A 132 -4.59 19.03 -9.25
C THR A 132 -5.84 18.86 -8.40
N SER A 133 -5.66 18.94 -7.08
CA SER A 133 -6.80 18.90 -6.17
C SER A 133 -7.76 20.05 -6.44
N GLU A 134 -7.25 21.20 -6.91
CA GLU A 134 -8.13 22.31 -7.23
C GLU A 134 -8.94 22.04 -8.50
N GLN A 135 -8.35 21.34 -9.47
CA GLN A 135 -9.07 21.00 -10.69
C GLN A 135 -10.13 19.93 -10.42
N THR A 136 -9.77 18.89 -9.65
CA THR A 136 -10.77 17.93 -9.21
C THR A 136 -11.87 18.62 -8.42
N LYS A 137 -11.50 19.59 -7.56
CA LYS A 137 -12.50 20.32 -6.79
C LYS A 137 -13.42 21.12 -7.71
N ALA A 138 -12.86 21.69 -8.79
CA ALA A 138 -13.71 22.39 -9.76
C ALA A 138 -14.73 21.43 -10.37
N VAL A 139 -14.31 20.21 -10.68
CA VAL A 139 -15.25 19.23 -11.21
C VAL A 139 -16.34 18.92 -10.19
N VAL A 140 -15.95 18.73 -8.93
CA VAL A 140 -16.93 18.40 -7.90
C VAL A 140 -17.90 19.57 -7.69
N ASP A 141 -17.38 20.79 -7.66
CA ASP A 141 -18.21 21.97 -7.41
C ASP A 141 -19.24 22.18 -8.50
N GLY A 142 -19.03 21.61 -9.69
CA GLY A 142 -20.02 21.68 -10.75
C GLY A 142 -21.15 20.68 -10.64
N GLY A 143 -21.21 19.90 -9.56
CA GLY A 143 -22.26 18.92 -9.39
C GLY A 143 -22.02 17.62 -10.12
N ALA A 144 -20.77 17.29 -10.42
CA ALA A 144 -20.49 16.14 -11.28
C ALA A 144 -20.74 14.81 -10.57
N ILE A 145 -20.62 14.76 -9.25
CA ILE A 145 -20.67 13.48 -8.54
C ILE A 145 -22.02 12.78 -8.77
N PRO A 146 -23.16 13.41 -8.44
CA PRO A 146 -24.44 12.73 -8.68
C PRO A 146 -24.69 12.44 -10.15
N ALA A 147 -24.24 13.31 -11.06
CA ALA A 147 -24.43 13.05 -12.48
C ALA A 147 -23.69 11.78 -12.92
N PHE A 148 -22.45 11.62 -12.46
CA PHE A 148 -21.69 10.42 -12.81
C PHE A 148 -22.30 9.19 -12.16
N ILE A 149 -22.79 9.32 -10.93
CA ILE A 149 -23.42 8.18 -10.28
C ILE A 149 -24.66 7.76 -11.07
N SER A 150 -25.42 8.72 -11.56
CA SER A 150 -26.57 8.40 -12.41
C SER A 150 -26.12 7.73 -13.70
N LEU A 151 -25.01 8.20 -14.29
CA LEU A 151 -24.50 7.59 -15.51
C LEU A 151 -24.02 6.16 -15.30
N LEU A 152 -23.70 5.79 -14.06
CA LEU A 152 -23.28 4.41 -13.80
C LEU A 152 -24.31 3.40 -14.28
N ALA A 153 -25.58 3.78 -14.40
CA ALA A 153 -26.64 2.88 -14.84
C ALA A 153 -26.90 2.98 -16.33
N SER A 154 -26.03 3.64 -17.09
CA SER A 154 -26.27 3.80 -18.51
C SER A 154 -26.28 2.44 -19.20
N PRO A 155 -27.11 2.27 -20.24
CA PRO A 155 -27.05 1.01 -21.01
C PRO A 155 -25.82 0.87 -21.89
N HIS A 156 -25.05 1.94 -22.06
CA HIS A 156 -23.84 1.91 -22.88
C HIS A 156 -22.64 1.64 -21.98
N ALA A 157 -21.91 0.55 -22.27
CA ALA A 157 -20.81 0.14 -21.41
C ALA A 157 -19.71 1.19 -21.39
N HIS A 158 -19.45 1.86 -22.51
CA HIS A 158 -18.34 2.81 -22.53
C HIS A 158 -18.67 4.05 -21.70
N ILE A 159 -19.94 4.46 -21.65
CA ILE A 159 -20.33 5.61 -20.84
C ILE A 159 -20.27 5.27 -19.36
N SER A 160 -20.81 4.11 -18.98
CA SER A 160 -20.72 3.69 -17.57
C SER A 160 -19.27 3.52 -17.15
N GLU A 161 -18.43 2.99 -18.03
CA GLU A 161 -17.00 2.88 -17.74
C GLU A 161 -16.39 4.25 -17.48
N GLN A 162 -16.70 5.23 -18.34
CA GLN A 162 -16.15 6.57 -18.15
C GLN A 162 -16.62 7.16 -16.82
N ALA A 163 -17.87 6.89 -16.44
CA ALA A 163 -18.37 7.38 -15.16
C ALA A 163 -17.61 6.74 -14.00
N VAL A 164 -17.39 5.43 -14.08
CA VAL A 164 -16.57 4.74 -13.08
C VAL A 164 -15.20 5.41 -12.96
N TRP A 165 -14.59 5.68 -14.11
CA TRP A 165 -13.26 6.31 -14.15
C TRP A 165 -13.27 7.67 -13.45
N ALA A 166 -14.25 8.51 -13.79
CA ALA A 166 -14.32 9.84 -13.21
C ALA A 166 -14.50 9.77 -11.70
N LEU A 167 -15.38 8.90 -11.24
CA LEU A 167 -15.56 8.74 -9.80
C LEU A 167 -14.28 8.22 -9.15
N GLY A 168 -13.52 7.38 -9.85
CA GLY A 168 -12.24 6.96 -9.33
C GLY A 168 -11.29 8.12 -9.11
N ASN A 169 -11.22 9.03 -10.08
CA ASN A 169 -10.34 10.19 -9.93
C ASN A 169 -10.79 11.06 -8.76
N ILE A 170 -12.09 11.34 -8.69
CA ILE A 170 -12.62 12.18 -7.62
C ILE A 170 -12.32 11.56 -6.25
N ALA A 171 -12.59 10.26 -6.10
CA ALA A 171 -12.32 9.60 -4.84
C ALA A 171 -10.82 9.53 -4.54
N GLY A 172 -9.99 9.42 -5.58
CA GLY A 172 -8.55 9.36 -5.39
C GLY A 172 -7.94 10.68 -4.98
N ASP A 173 -8.68 11.78 -5.13
CA ASP A 173 -8.19 13.06 -4.60
C ASP A 173 -7.85 12.96 -3.11
N GLY A 174 -8.67 12.28 -2.33
CA GLY A 174 -8.43 12.19 -0.90
C GLY A 174 -9.67 11.74 -0.15
N SER A 175 -9.54 11.74 1.18
CA SER A 175 -10.55 11.13 2.03
C SER A 175 -11.86 11.90 2.02
N ALA A 176 -11.81 13.23 1.92
CA ALA A 176 -13.03 14.03 1.93
C ALA A 176 -13.88 13.75 0.68
N PHE A 177 -13.26 13.79 -0.50
CA PHE A 177 -14.00 13.50 -1.72
C PHE A 177 -14.36 12.02 -1.82
N ARG A 178 -13.52 11.14 -1.29
CA ARG A 178 -13.89 9.72 -1.20
C ARG A 178 -15.18 9.56 -0.42
N ASP A 179 -15.24 10.15 0.78
CA ASP A 179 -16.42 10.03 1.62
C ASP A 179 -17.62 10.74 1.00
N LEU A 180 -17.39 11.83 0.26
CA LEU A 180 -18.50 12.50 -0.41
C LEU A 180 -19.05 11.65 -1.54
N VAL A 181 -18.18 11.00 -2.32
CA VAL A 181 -18.64 10.06 -3.33
C VAL A 181 -19.46 8.96 -2.69
N ILE A 182 -19.02 8.46 -1.53
CA ILE A 182 -19.77 7.41 -0.85
C ILE A 182 -21.13 7.94 -0.38
N LYS A 183 -21.17 9.16 0.15
CA LYS A 183 -22.42 9.70 0.67
C LYS A 183 -23.45 9.91 -0.44
N HIS A 184 -23.00 10.15 -1.67
CA HIS A 184 -23.91 10.31 -2.79
C HIS A 184 -24.46 8.98 -3.30
N GLY A 185 -23.97 7.85 -2.77
CA GLY A 185 -24.54 6.54 -3.09
C GLY A 185 -23.86 5.80 -4.23
N ALA A 186 -22.55 5.94 -4.37
CA ALA A 186 -21.85 5.34 -5.50
C ALA A 186 -21.64 3.83 -5.34
N ILE A 187 -21.52 3.34 -4.10
CA ILE A 187 -21.10 1.96 -3.89
C ILE A 187 -22.13 0.99 -4.45
N ASP A 188 -23.41 1.24 -4.19
CA ASP A 188 -24.45 0.32 -4.66
C ASP A 188 -24.39 0.10 -6.17
N PRO A 189 -24.46 1.14 -7.00
CA PRO A 189 -24.38 0.90 -8.46
C PRO A 189 -23.03 0.39 -8.90
N LEU A 190 -21.94 0.85 -8.28
CA LEU A 190 -20.63 0.29 -8.63
C LEU A 190 -20.61 -1.21 -8.45
N LEU A 191 -21.05 -1.68 -7.28
CA LEU A 191 -21.06 -3.12 -7.02
C LEU A 191 -22.06 -3.85 -7.90
N ALA A 192 -23.18 -3.20 -8.23
CA ALA A 192 -24.13 -3.81 -9.15
C ALA A 192 -23.50 -4.08 -10.50
N LEU A 193 -22.59 -3.21 -10.93
CA LEU A 193 -21.91 -3.46 -12.20
C LEU A 193 -21.10 -4.75 -12.17
N LEU A 194 -20.68 -5.21 -10.99
CA LEU A 194 -19.88 -6.42 -10.87
C LEU A 194 -20.70 -7.63 -10.43
N ALA A 195 -22.03 -7.51 -10.39
CA ALA A 195 -22.88 -8.60 -9.90
C ALA A 195 -23.24 -9.53 -11.06
N VAL A 196 -22.25 -10.30 -11.48
CA VAL A 196 -22.41 -11.27 -12.56
C VAL A 196 -21.91 -12.63 -12.07
N PRO A 197 -22.46 -13.73 -12.58
CA PRO A 197 -22.00 -15.05 -12.11
C PRO A 197 -20.51 -15.27 -12.31
N ASP A 198 -19.93 -14.80 -13.42
CA ASP A 198 -18.52 -15.02 -13.73
C ASP A 198 -17.92 -13.71 -14.21
N LEU A 199 -16.91 -13.22 -13.50
CA LEU A 199 -16.26 -11.96 -13.87
C LEU A 199 -15.60 -12.02 -15.24
N SER A 200 -15.28 -13.22 -15.73
CA SER A 200 -14.57 -13.34 -17.00
C SER A 200 -15.41 -12.89 -18.18
N THR A 201 -16.74 -12.77 -18.02
CA THR A 201 -17.59 -12.30 -19.10
C THR A 201 -17.52 -10.80 -19.31
N LEU A 202 -16.92 -10.06 -18.38
CA LEU A 202 -16.77 -8.62 -18.52
C LEU A 202 -15.50 -8.30 -19.29
N ALA A 203 -15.54 -7.18 -20.02
CA ALA A 203 -14.35 -6.72 -20.74
C ALA A 203 -13.23 -6.42 -19.75
N CYS A 204 -11.99 -6.71 -20.17
CA CYS A 204 -10.85 -6.58 -19.27
C CYS A 204 -10.67 -5.14 -18.80
N GLY A 205 -10.73 -4.18 -19.73
CA GLY A 205 -10.54 -2.79 -19.35
C GLY A 205 -11.63 -2.30 -18.42
N TYR A 206 -12.88 -2.66 -18.71
CA TYR A 206 -13.99 -2.32 -17.82
C TYR A 206 -13.76 -2.83 -16.41
N LEU A 207 -13.39 -4.11 -16.29
CA LEU A 207 -13.19 -4.71 -14.98
C LEU A 207 -12.01 -4.08 -14.25
N ARG A 208 -10.94 -3.79 -14.99
CA ARG A 208 -9.78 -3.15 -14.37
C ARG A 208 -10.14 -1.76 -13.84
N ASN A 209 -10.91 -1.00 -14.60
CA ASN A 209 -11.31 0.34 -14.15
C ASN A 209 -12.20 0.25 -12.91
N LEU A 210 -13.16 -0.69 -12.92
CA LEU A 210 -14.00 -0.87 -11.74
C LEU A 210 -13.17 -1.24 -10.52
N THR A 211 -12.21 -2.16 -10.69
CA THR A 211 -11.36 -2.55 -9.57
C THR A 211 -10.55 -1.38 -9.04
N TRP A 212 -9.99 -0.57 -9.94
CA TRP A 212 -9.18 0.57 -9.52
C TRP A 212 -10.02 1.59 -8.76
N THR A 213 -11.22 1.88 -9.25
CA THR A 213 -12.08 2.84 -8.55
C THR A 213 -12.48 2.31 -7.17
N LEU A 214 -12.84 1.03 -7.08
CA LEU A 214 -13.15 0.46 -5.78
C LEU A 214 -11.94 0.56 -4.85
N SER A 215 -10.74 0.28 -5.35
CA SER A 215 -9.55 0.38 -4.51
C SER A 215 -9.35 1.81 -4.01
N ASN A 216 -9.66 2.79 -4.87
CA ASN A 216 -9.59 4.18 -4.41
C ASN A 216 -10.62 4.46 -3.32
N LEU A 217 -11.79 3.81 -3.39
CA LEU A 217 -12.76 3.97 -2.32
C LEU A 217 -12.30 3.32 -1.01
N CYS A 218 -11.32 2.43 -1.07
CA CYS A 218 -10.73 1.83 0.12
C CYS A 218 -9.49 2.57 0.60
N ARG A 219 -9.06 3.59 -0.11
CA ARG A 219 -7.76 4.22 0.09
C ARG A 219 -7.85 5.39 1.06
N ASN A 220 -6.69 5.77 1.61
CA ASN A 220 -6.50 6.95 2.47
C ASN A 220 -7.06 6.69 3.86
N LYS A 221 -6.53 7.41 4.88
CA LYS A 221 -6.73 6.93 6.24
C LYS A 221 -6.84 8.03 7.30
N ASN A 222 -7.16 9.27 6.96
CA ASN A 222 -7.37 10.33 7.94
C ASN A 222 -8.58 11.17 7.56
N PRO A 223 -9.79 10.62 7.74
CA PRO A 223 -10.12 9.33 8.35
C PRO A 223 -10.05 8.15 7.38
N ALA A 224 -10.12 6.93 7.90
CA ALA A 224 -10.23 5.75 7.06
C ALA A 224 -11.64 5.67 6.49
N PRO A 225 -11.87 4.84 5.47
CA PRO A 225 -13.19 4.76 4.88
C PRO A 225 -14.22 4.36 5.90
N PRO A 226 -15.48 4.75 5.71
CA PRO A 226 -16.52 4.36 6.67
C PRO A 226 -16.61 2.85 6.80
N LEU A 227 -16.78 2.38 8.04
CA LEU A 227 -16.80 0.94 8.31
C LEU A 227 -17.89 0.25 7.51
N ASP A 228 -19.08 0.84 7.45
CA ASP A 228 -20.19 0.25 6.70
C ASP A 228 -19.82 0.10 5.22
N ALA A 229 -19.14 1.10 4.66
CA ALA A 229 -18.73 1.02 3.26
C ALA A 229 -17.70 -0.09 3.06
N VAL A 230 -16.76 -0.22 3.99
CA VAL A 230 -15.77 -1.29 3.88
C VAL A 230 -16.46 -2.65 3.90
N GLU A 231 -17.41 -2.83 4.81
CA GLU A 231 -18.12 -4.11 4.88
C GLU A 231 -18.94 -4.35 3.61
N GLN A 232 -19.53 -3.30 3.06
CA GLN A 232 -20.30 -3.43 1.83
C GLN A 232 -19.40 -3.82 0.64
N ILE A 233 -18.17 -3.33 0.62
CA ILE A 233 -17.29 -3.56 -0.51
C ILE A 233 -16.52 -4.88 -0.40
N LEU A 234 -16.22 -5.34 0.81
CA LEU A 234 -15.28 -6.44 1.00
C LEU A 234 -15.60 -7.69 0.19
N PRO A 235 -16.83 -8.22 0.17
CA PRO A 235 -17.07 -9.47 -0.58
C PRO A 235 -16.70 -9.37 -2.06
N THR A 236 -17.07 -8.27 -2.71
CA THR A 236 -16.67 -8.08 -4.09
C THR A 236 -15.16 -8.01 -4.22
N LEU A 237 -14.50 -7.40 -3.22
CA LEU A 237 -13.05 -7.36 -3.24
C LEU A 237 -12.45 -8.76 -3.17
N VAL A 238 -13.01 -9.63 -2.33
CA VAL A 238 -12.52 -11.01 -2.27
C VAL A 238 -12.72 -11.70 -3.62
N ARG A 239 -13.92 -11.54 -4.19
N ARG A 239 -13.90 -11.52 -4.20
CA ARG A 239 -14.18 -12.06 -5.53
CA ARG A 239 -14.15 -12.10 -5.53
C ARG A 239 -13.08 -11.64 -6.50
C ARG A 239 -13.09 -11.64 -6.52
N LEU A 240 -12.80 -10.34 -6.54
CA LEU A 240 -11.79 -9.83 -7.47
C LEU A 240 -10.41 -10.37 -7.14
N LEU A 241 -10.13 -10.54 -5.85
CA LEU A 241 -8.85 -11.10 -5.41
C LEU A 241 -8.68 -12.54 -5.86
N HIS A 242 -9.76 -13.21 -6.25
CA HIS A 242 -9.66 -14.54 -6.84
C HIS A 242 -9.72 -14.53 -8.37
N HIS A 243 -9.69 -13.35 -8.99
CA HIS A 243 -9.71 -13.28 -10.44
C HIS A 243 -8.34 -13.66 -11.02
N ASN A 244 -8.30 -13.87 -12.33
CA ASN A 244 -7.10 -14.34 -13.01
C ASN A 244 -6.32 -13.24 -13.72
N ASP A 245 -6.86 -12.02 -13.79
CA ASP A 245 -6.15 -10.94 -14.47
C ASP A 245 -5.12 -10.32 -13.53
N PRO A 246 -3.84 -10.24 -13.94
CA PRO A 246 -2.82 -9.74 -13.01
C PRO A 246 -3.05 -8.31 -12.55
N GLU A 247 -3.61 -7.44 -13.39
CA GLU A 247 -3.85 -6.06 -12.97
C GLU A 247 -5.00 -5.99 -11.96
N VAL A 248 -6.08 -6.73 -12.22
CA VAL A 248 -7.17 -6.81 -11.26
C VAL A 248 -6.65 -7.35 -9.93
N LEU A 249 -5.83 -8.39 -9.98
CA LEU A 249 -5.26 -8.96 -8.76
C LEU A 249 -4.40 -7.94 -8.02
N ALA A 250 -3.55 -7.22 -8.76
CA ALA A 250 -2.68 -6.24 -8.12
C ALA A 250 -3.48 -5.15 -7.43
N ASP A 251 -4.49 -4.61 -8.12
CA ASP A 251 -5.27 -3.52 -7.53
C ASP A 251 -6.14 -4.01 -6.38
N SER A 252 -6.64 -5.24 -6.45
CA SER A 252 -7.39 -5.81 -5.34
C SER A 252 -6.48 -6.00 -4.12
N CYS A 253 -5.27 -6.50 -4.34
CA CYS A 253 -4.32 -6.62 -3.24
C CYS A 253 -3.99 -5.26 -2.64
N TRP A 254 -3.86 -4.24 -3.48
CA TRP A 254 -3.58 -2.90 -2.98
C TRP A 254 -4.75 -2.40 -2.13
N ALA A 255 -5.98 -2.66 -2.56
CA ALA A 255 -7.13 -2.28 -1.75
C ALA A 255 -7.12 -2.99 -0.39
N ILE A 256 -6.83 -4.29 -0.40
CA ILE A 256 -6.73 -5.03 0.87
C ILE A 256 -5.64 -4.44 1.75
N SER A 257 -4.51 -4.04 1.14
CA SER A 257 -3.44 -3.42 1.90
C SER A 257 -3.87 -2.09 2.51
N TYR A 258 -4.64 -1.30 1.75
CA TYR A 258 -5.21 -0.08 2.32
C TYR A 258 -6.05 -0.41 3.55
N LEU A 259 -6.95 -1.38 3.40
CA LEU A 259 -7.90 -1.70 4.47
C LEU A 259 -7.22 -2.32 5.69
N THR A 260 -6.06 -2.94 5.51
CA THR A 260 -5.35 -3.56 6.63
C THR A 260 -4.35 -2.61 7.29
N ASP A 261 -4.18 -1.40 6.77
CA ASP A 261 -3.27 -0.41 7.33
C ASP A 261 -4.07 0.47 8.29
N GLY A 262 -4.06 0.11 9.56
CA GLY A 262 -4.77 0.86 10.56
C GLY A 262 -4.99 0.07 11.84
N PRO A 263 -5.99 0.47 12.63
CA PRO A 263 -6.28 -0.24 13.89
C PRO A 263 -6.58 -1.71 13.66
N ASN A 264 -6.36 -2.51 14.70
CA ASN A 264 -6.50 -3.96 14.59
C ASN A 264 -7.93 -4.38 14.28
N GLU A 265 -8.91 -3.50 14.54
CA GLU A 265 -10.30 -3.83 14.20
C GLU A 265 -10.50 -3.90 12.69
N ARG A 266 -9.85 -3.00 11.93
CA ARG A 266 -9.90 -3.07 10.48
C ARG A 266 -9.24 -4.35 9.97
N ILE A 267 -8.05 -4.65 10.50
CA ILE A 267 -7.39 -5.90 10.18
C ILE A 267 -8.33 -7.06 10.41
N GLU A 268 -9.09 -7.01 11.52
CA GLU A 268 -10.00 -8.10 11.84
C GLU A 268 -11.13 -8.20 10.82
N MET A 269 -11.71 -7.07 10.42
CA MET A 269 -12.74 -7.11 9.39
C MET A 269 -12.20 -7.83 8.15
N VAL A 270 -10.96 -7.55 7.78
CA VAL A 270 -10.41 -8.16 6.57
C VAL A 270 -10.14 -9.65 6.80
N VAL A 271 -9.51 -9.98 7.92
CA VAL A 271 -9.09 -11.36 8.15
C VAL A 271 -10.30 -12.28 8.32
N LYS A 272 -11.39 -11.77 8.90
CA LYS A 272 -12.57 -12.62 9.09
C LYS A 272 -13.16 -13.09 7.78
N LYS A 273 -12.86 -12.41 6.67
CA LYS A 273 -13.36 -12.84 5.37
C LYS A 273 -12.56 -13.99 4.77
N GLY A 274 -11.50 -14.44 5.45
CA GLY A 274 -10.76 -15.60 4.99
C GLY A 274 -9.84 -15.36 3.82
N VAL A 275 -9.30 -14.14 3.67
CA VAL A 275 -8.47 -13.81 2.51
C VAL A 275 -7.00 -14.17 2.70
N VAL A 276 -6.57 -14.50 3.92
CA VAL A 276 -5.14 -14.66 4.17
C VAL A 276 -4.53 -15.75 3.30
N PRO A 277 -5.14 -16.92 3.14
CA PRO A 277 -4.54 -17.93 2.25
C PRO A 277 -4.36 -17.45 0.83
N GLN A 278 -5.34 -16.73 0.29
CA GLN A 278 -5.18 -16.19 -1.06
C GLN A 278 -4.06 -15.16 -1.09
N LEU A 279 -3.93 -14.36 -0.02
CA LEU A 279 -2.84 -13.39 0.03
C LEU A 279 -1.49 -14.09 0.04
N VAL A 280 -1.37 -15.21 0.74
CA VAL A 280 -0.11 -15.96 0.75
C VAL A 280 0.17 -16.54 -0.63
N LYS A 281 -0.85 -17.12 -1.26
CA LYS A 281 -0.71 -17.59 -2.64
C LYS A 281 -0.16 -16.49 -3.53
N LEU A 282 -0.77 -15.31 -3.49
CA LEU A 282 -0.32 -14.20 -4.33
C LEU A 282 1.08 -13.72 -3.92
N LEU A 283 1.40 -13.82 -2.64
CA LEU A 283 2.76 -13.57 -2.18
C LEU A 283 3.75 -14.47 -2.90
N GLY A 284 3.33 -15.68 -3.25
CA GLY A 284 4.15 -16.56 -4.05
C GLY A 284 4.14 -16.32 -5.54
N ALA A 285 3.50 -15.24 -6.01
CA ALA A 285 3.35 -15.03 -7.44
C ALA A 285 4.68 -14.63 -8.08
N THR A 286 4.78 -14.88 -9.39
CA THR A 286 5.97 -14.53 -10.14
C THR A 286 6.01 -13.06 -10.54
N GLU A 287 4.85 -12.41 -10.64
CA GLU A 287 4.79 -11.02 -11.05
C GLU A 287 4.98 -10.11 -9.84
N LEU A 288 6.04 -9.31 -9.87
CA LEU A 288 6.30 -8.38 -8.77
C LEU A 288 5.16 -7.40 -8.53
N PRO A 289 4.43 -6.91 -9.55
CA PRO A 289 3.28 -6.03 -9.26
C PRO A 289 2.22 -6.70 -8.41
N ILE A 290 2.19 -8.03 -8.35
CA ILE A 290 1.27 -8.73 -7.46
C ILE A 290 1.93 -9.01 -6.11
N VAL A 291 3.20 -9.40 -6.12
CA VAL A 291 3.88 -9.73 -4.86
C VAL A 291 3.96 -8.51 -3.96
N THR A 292 4.22 -7.33 -4.53
CA THR A 292 4.40 -6.14 -3.71
C THR A 292 3.18 -5.83 -2.86
N PRO A 293 1.98 -5.67 -3.41
CA PRO A 293 0.82 -5.39 -2.56
C PRO A 293 0.45 -6.56 -1.66
N ALA A 294 0.64 -7.80 -2.11
CA ALA A 294 0.37 -8.94 -1.24
C ALA A 294 1.27 -8.90 -0.02
N LEU A 295 2.55 -8.60 -0.21
CA LEU A 295 3.47 -8.51 0.92
C LEU A 295 3.10 -7.34 1.82
N ARG A 296 2.70 -6.21 1.25
CA ARG A 296 2.25 -5.10 2.09
C ARG A 296 1.07 -5.52 2.96
N ALA A 297 0.09 -6.20 2.36
CA ALA A 297 -1.08 -6.61 3.13
C ALA A 297 -0.70 -7.59 4.23
N ILE A 298 0.19 -8.55 3.93
CA ILE A 298 0.61 -9.51 4.94
C ILE A 298 1.33 -8.81 6.09
N GLY A 299 2.23 -7.88 5.77
CA GLY A 299 2.92 -7.14 6.81
C GLY A 299 1.94 -6.37 7.69
N ASN A 300 1.01 -5.66 7.05
CA ASN A 300 -0.02 -4.94 7.79
C ASN A 300 -0.75 -5.88 8.74
N ILE A 301 -1.12 -7.07 8.25
CA ILE A 301 -1.88 -7.99 9.08
C ILE A 301 -1.05 -8.45 10.27
N VAL A 302 0.26 -8.69 10.07
CA VAL A 302 1.09 -9.13 11.18
C VAL A 302 1.49 -7.98 12.10
N THR A 303 1.12 -6.74 11.78
CA THR A 303 1.21 -5.68 12.78
C THR A 303 0.09 -5.73 13.81
N GLY A 304 -0.84 -6.68 13.71
CA GLY A 304 -1.98 -6.71 14.61
C GLY A 304 -1.77 -7.60 15.82
N THR A 305 -2.81 -8.33 16.22
CA THR A 305 -2.75 -9.18 17.38
C THR A 305 -1.96 -10.46 17.07
N ASP A 306 -1.62 -11.19 18.14
CA ASP A 306 -0.91 -12.45 17.96
C ASP A 306 -1.76 -13.47 17.21
N GLU A 307 -3.09 -13.38 17.32
CA GLU A 307 -3.95 -14.33 16.64
C GLU A 307 -4.03 -14.04 15.14
N GLN A 308 -4.03 -12.75 14.76
CA GLN A 308 -3.99 -12.41 13.35
C GLN A 308 -2.66 -12.82 12.72
N THR A 309 -1.56 -12.54 13.41
CA THR A 309 -0.26 -13.01 12.96
C THR A 309 -0.24 -14.53 12.82
N GLN A 310 -0.85 -15.23 13.79
CA GLN A 310 -0.92 -16.68 13.71
C GLN A 310 -1.73 -17.12 12.50
N LYS A 311 -2.77 -16.36 12.15
CA LYS A 311 -3.49 -16.65 10.91
C LYS A 311 -2.55 -16.59 9.71
N VAL A 312 -1.69 -15.58 9.68
CA VAL A 312 -0.72 -15.47 8.59
C VAL A 312 0.22 -16.68 8.59
N ILE A 313 0.70 -17.08 9.77
CA ILE A 313 1.65 -18.19 9.85
C ILE A 313 0.99 -19.50 9.44
N ASP A 314 -0.23 -19.75 9.92
CA ASP A 314 -0.92 -21.00 9.62
C ASP A 314 -1.18 -21.15 8.14
N ALA A 315 -1.29 -20.04 7.41
CA ALA A 315 -1.53 -20.09 5.97
C ALA A 315 -0.28 -20.47 5.17
N GLY A 316 0.88 -20.57 5.82
CA GLY A 316 2.09 -20.98 5.15
C GLY A 316 2.98 -19.87 4.64
N ALA A 317 2.84 -18.65 5.19
CA ALA A 317 3.55 -17.51 4.63
C ALA A 317 5.06 -17.64 4.80
N LEU A 318 5.52 -18.17 5.94
CA LEU A 318 6.95 -18.18 6.22
C LEU A 318 7.73 -18.94 5.14
N ALA A 319 7.12 -19.98 4.56
CA ALA A 319 7.81 -20.76 3.54
C ALA A 319 8.23 -19.91 2.34
N VAL A 320 7.64 -18.73 2.17
CA VAL A 320 7.98 -17.86 1.05
C VAL A 320 9.12 -16.91 1.36
N PHE A 321 9.47 -16.74 2.64
CA PHE A 321 10.39 -15.66 2.99
C PHE A 321 11.85 -15.93 2.65
N PRO A 322 12.27 -17.19 2.44
CA PRO A 322 13.62 -17.39 1.88
C PRO A 322 13.83 -16.64 0.58
N SER A 323 12.81 -16.62 -0.29
CA SER A 323 12.90 -15.86 -1.54
C SER A 323 12.75 -14.37 -1.28
N LEU A 324 11.72 -13.98 -0.52
CA LEU A 324 11.48 -12.56 -0.29
C LEU A 324 12.67 -11.88 0.36
N LEU A 325 13.32 -12.57 1.31
CA LEU A 325 14.45 -11.98 2.00
C LEU A 325 15.72 -11.96 1.15
N THR A 326 15.71 -12.61 -0.01
CA THR A 326 16.82 -12.50 -0.96
C THR A 326 16.36 -11.91 -2.29
N ASN A 327 15.16 -11.32 -2.34
CA ASN A 327 14.61 -10.84 -3.59
C ASN A 327 15.49 -9.74 -4.17
N PRO A 328 15.75 -9.76 -5.47
CA PRO A 328 16.61 -8.70 -6.06
C PRO A 328 16.01 -7.31 -5.96
N LYS A 329 14.70 -7.20 -5.73
CA LYS A 329 14.06 -5.89 -5.59
C LYS A 329 14.22 -5.41 -4.15
N THR A 330 14.86 -4.24 -3.98
CA THR A 330 15.20 -3.76 -2.64
C THR A 330 13.95 -3.56 -1.78
N ASN A 331 12.88 -3.02 -2.37
CA ASN A 331 11.67 -2.75 -1.59
C ASN A 331 11.06 -4.06 -1.07
N ILE A 332 11.13 -5.12 -1.87
CA ILE A 332 10.61 -6.41 -1.42
C ILE A 332 11.41 -6.91 -0.21
N GLN A 333 12.74 -6.83 -0.30
CA GLN A 333 13.58 -7.24 0.83
C GLN A 333 13.27 -6.42 2.07
N LYS A 334 13.13 -5.11 1.91
CA LYS A 334 12.86 -4.24 3.05
C LYS A 334 11.54 -4.58 3.71
N GLU A 335 10.47 -4.71 2.92
CA GLU A 335 9.16 -4.96 3.50
C GLU A 335 9.05 -6.39 4.04
N ALA A 336 9.75 -7.34 3.44
CA ALA A 336 9.77 -8.69 4.00
C ALA A 336 10.50 -8.71 5.33
N THR A 337 11.59 -7.94 5.46
CA THR A 337 12.29 -7.89 6.73
C THR A 337 11.46 -7.16 7.78
N TRP A 338 10.71 -6.14 7.37
CA TRP A 338 9.79 -5.47 8.29
C TRP A 338 8.70 -6.43 8.78
N THR A 339 8.12 -7.20 7.85
CA THR A 339 7.17 -8.24 8.23
C THR A 339 7.79 -9.21 9.22
N MET A 340 9.02 -9.65 8.96
CA MET A 340 9.69 -10.56 9.88
C MET A 340 9.90 -9.92 11.25
N SER A 341 10.22 -8.62 11.27
CA SER A 341 10.40 -7.92 12.53
C SER A 341 9.12 -7.93 13.34
N ASN A 342 7.98 -7.74 12.68
CA ASN A 342 6.73 -7.76 13.41
C ASN A 342 6.35 -9.18 13.82
N ILE A 343 6.82 -10.19 13.08
CA ILE A 343 6.54 -11.56 13.51
C ILE A 343 7.42 -11.96 14.68
N THR A 344 8.66 -11.46 14.74
CA THR A 344 9.55 -11.75 15.85
C THR A 344 9.15 -11.01 17.12
N ALA A 345 8.30 -10.00 17.01
CA ALA A 345 7.70 -9.32 18.16
C ALA A 345 6.51 -10.08 18.72
N GLY A 346 6.23 -11.28 18.22
CA GLY A 346 5.11 -12.06 18.66
C GLY A 346 5.45 -13.01 19.80
N ARG A 347 4.67 -14.08 19.89
CA ARG A 347 4.81 -15.05 20.96
C ARG A 347 6.01 -15.96 20.70
N GLN A 348 6.37 -16.72 21.74
CA GLN A 348 7.56 -17.57 21.65
C GLN A 348 7.34 -18.73 20.68
N ASP A 349 6.12 -19.25 20.58
CA ASP A 349 5.84 -20.28 19.58
C ASP A 349 5.93 -19.73 18.17
N GLN A 350 5.64 -18.43 17.97
CA GLN A 350 5.77 -17.84 16.65
C GLN A 350 7.24 -17.59 16.30
N ILE A 351 8.04 -17.13 17.27
CA ILE A 351 9.48 -17.08 17.09
C ILE A 351 10.02 -18.48 16.76
N GLN A 352 9.45 -19.50 17.40
CA GLN A 352 9.89 -20.86 17.13
C GLN A 352 9.53 -21.28 15.71
N GLN A 353 8.36 -20.86 15.22
CA GLN A 353 8.01 -21.13 13.83
C GLN A 353 8.99 -20.43 12.88
N VAL A 354 9.41 -19.22 13.23
CA VAL A 354 10.43 -18.54 12.45
C VAL A 354 11.72 -19.36 12.42
N VAL A 355 12.10 -19.90 13.59
CA VAL A 355 13.32 -20.71 13.67
C VAL A 355 13.19 -21.98 12.84
N ASN A 356 12.04 -22.65 12.95
CA ASN A 356 11.84 -23.95 12.29
C ASN A 356 11.91 -23.82 10.78
N HIS A 357 11.41 -22.71 10.24
CA HIS A 357 11.45 -22.47 8.79
C HIS A 357 12.83 -22.06 8.29
N GLY A 358 13.83 -22.03 9.16
CA GLY A 358 15.19 -21.73 8.74
C GLY A 358 15.41 -20.28 8.37
N LEU A 359 14.62 -19.36 8.92
CA LEU A 359 14.67 -17.96 8.52
C LEU A 359 15.70 -17.14 9.30
N VAL A 360 16.21 -17.65 10.42
CA VAL A 360 17.24 -16.90 11.16
C VAL A 360 18.49 -16.71 10.32
N PRO A 361 19.03 -17.72 9.63
CA PRO A 361 20.16 -17.47 8.74
C PRO A 361 19.86 -16.40 7.69
N PHE A 362 18.62 -16.33 7.20
CA PHE A 362 18.29 -15.28 6.23
C PHE A 362 18.29 -13.91 6.87
N LEU A 363 17.88 -13.82 8.14
CA LEU A 363 18.00 -12.55 8.85
C LEU A 363 19.45 -12.18 9.06
N VAL A 364 20.31 -13.16 9.36
CA VAL A 364 21.74 -12.90 9.45
C VAL A 364 22.26 -12.38 8.11
N GLY A 365 21.81 -12.98 7.01
CA GLY A 365 22.23 -12.53 5.70
C GLY A 365 21.82 -11.09 5.41
N VAL A 366 20.56 -10.76 5.68
CA VAL A 366 20.09 -9.40 5.44
C VAL A 366 20.85 -8.41 6.32
N LEU A 367 21.09 -8.78 7.59
CA LEU A 367 21.88 -7.93 8.47
C LEU A 367 23.30 -7.75 7.96
N SER A 368 23.84 -8.76 7.26
CA SER A 368 25.23 -8.71 6.82
C SER A 368 25.39 -7.87 5.57
N LYS A 369 24.46 -7.97 4.63
CA LYS A 369 24.57 -7.28 3.34
C LYS A 369 23.18 -7.01 2.80
N ALA A 370 22.85 -5.74 2.62
CA ALA A 370 21.56 -5.30 2.10
C ALA A 370 21.55 -3.78 2.10
N ASP A 371 20.53 -3.21 1.48
CA ASP A 371 20.30 -1.78 1.61
C ASP A 371 20.15 -1.42 3.09
N PHE A 372 20.64 -0.22 3.44
CA PHE A 372 20.69 0.16 4.86
C PHE A 372 19.31 0.12 5.50
N LYS A 373 18.26 0.47 4.75
CA LYS A 373 16.92 0.44 5.32
C LYS A 373 16.51 -0.99 5.68
N THR A 374 16.82 -1.94 4.79
CA THR A 374 16.56 -3.34 5.09
C THR A 374 17.37 -3.79 6.30
N GLN A 375 18.62 -3.31 6.42
CA GLN A 375 19.43 -3.67 7.57
C GLN A 375 18.84 -3.12 8.85
N LYS A 376 18.24 -1.93 8.79
CA LYS A 376 17.56 -1.37 9.96
C LYS A 376 16.35 -2.23 10.34
N GLU A 377 15.56 -2.64 9.35
CA GLU A 377 14.45 -3.54 9.64
C GLU A 377 14.95 -4.83 10.26
N ALA A 378 16.09 -5.33 9.79
CA ALA A 378 16.64 -6.57 10.34
C ALA A 378 17.12 -6.38 11.78
N ALA A 379 17.72 -5.23 12.07
CA ALA A 379 18.08 -4.92 13.45
C ALA A 379 16.85 -4.90 14.34
N TRP A 380 15.75 -4.31 13.84
CA TRP A 380 14.50 -4.33 14.60
C TRP A 380 14.04 -5.77 14.84
N ALA A 381 14.08 -6.60 13.80
CA ALA A 381 13.68 -7.99 13.96
C ALA A 381 14.52 -8.69 15.01
N ILE A 382 15.83 -8.43 15.02
CA ILE A 382 16.72 -9.09 15.98
C ILE A 382 16.40 -8.62 17.40
N THR A 383 16.17 -7.32 17.58
CA THR A 383 15.87 -6.81 18.91
C THR A 383 14.55 -7.38 19.43
N ASN A 384 13.53 -7.46 18.56
CA ASN A 384 12.27 -8.05 18.97
C ASN A 384 12.45 -9.52 19.33
N TYR A 385 13.16 -10.26 18.48
CA TYR A 385 13.46 -11.66 18.74
C TYR A 385 14.11 -11.85 20.11
N THR A 386 15.13 -11.04 20.41
CA THR A 386 15.85 -11.21 21.67
C THR A 386 15.02 -10.72 22.86
N SER A 387 14.10 -9.78 22.63
CA SER A 387 13.26 -9.29 23.72
C SER A 387 12.21 -10.32 24.11
N GLY A 388 11.66 -11.03 23.12
CA GLY A 388 10.57 -11.94 23.41
C GLY A 388 10.93 -13.41 23.39
N GLY A 389 12.16 -13.75 23.01
CA GLY A 389 12.52 -15.13 22.80
C GLY A 389 13.01 -15.84 24.06
N THR A 390 12.96 -17.17 24.01
CA THR A 390 13.51 -17.98 25.08
C THR A 390 15.04 -17.92 25.07
N VAL A 391 15.64 -18.41 26.16
CA VAL A 391 17.10 -18.45 26.22
C VAL A 391 17.65 -19.34 25.12
N GLU A 392 17.01 -20.49 24.88
CA GLU A 392 17.48 -21.37 23.82
C GLU A 392 17.39 -20.70 22.46
N GLN A 393 16.33 -19.93 22.21
CA GLN A 393 16.19 -19.25 20.92
C GLN A 393 17.28 -18.20 20.73
N ILE A 394 17.63 -17.47 21.80
CA ILE A 394 18.69 -16.48 21.69
C ILE A 394 20.04 -17.15 21.49
N VAL A 395 20.27 -18.27 22.17
CA VAL A 395 21.50 -19.04 21.95
C VAL A 395 21.59 -19.47 20.49
N TYR A 396 20.49 -20.00 19.96
CA TYR A 396 20.46 -20.37 18.54
C TYR A 396 20.80 -19.17 17.66
N LEU A 397 20.18 -18.02 17.94
CA LEU A 397 20.46 -16.82 17.17
C LEU A 397 21.95 -16.51 17.15
N VAL A 398 22.60 -16.59 18.32
CA VAL A 398 24.03 -16.30 18.37
C VAL A 398 24.81 -17.34 17.58
N HIS A 399 24.42 -18.62 17.69
CA HIS A 399 25.12 -19.68 16.97
C HIS A 399 25.01 -19.51 15.46
N CYS A 400 24.00 -18.79 14.97
CA CYS A 400 23.86 -18.56 13.54
C CYS A 400 24.77 -17.45 13.02
N GLY A 401 25.40 -16.70 13.90
CA GLY A 401 26.37 -15.70 13.50
C GLY A 401 25.89 -14.26 13.52
N ILE A 402 24.97 -13.91 14.43
CA ILE A 402 24.39 -12.59 14.41
C ILE A 402 25.34 -11.53 14.96
N ILE A 403 26.26 -11.93 15.84
CA ILE A 403 27.05 -10.96 16.60
C ILE A 403 27.90 -10.09 15.68
N GLU A 404 28.61 -10.72 14.74
CA GLU A 404 29.51 -9.96 13.88
C GLU A 404 28.77 -8.93 13.03
N PRO A 405 27.72 -9.28 12.29
CA PRO A 405 27.00 -8.23 11.53
C PRO A 405 26.34 -7.20 12.43
N LEU A 406 25.79 -7.63 13.58
CA LEU A 406 25.22 -6.67 14.52
C LEU A 406 26.27 -5.63 14.92
N MET A 407 27.49 -6.07 15.22
CA MET A 407 28.54 -5.15 15.62
C MET A 407 28.96 -4.26 14.46
N ASN A 408 29.14 -4.85 13.28
CA ASN A 408 29.54 -4.05 12.13
C ASN A 408 28.51 -2.97 11.82
N LEU A 409 27.25 -3.20 12.18
CA LEU A 409 26.23 -2.17 11.95
C LEU A 409 26.27 -1.04 12.97
N LEU A 410 27.03 -1.17 14.06
CA LEU A 410 27.08 -0.11 15.05
C LEU A 410 27.91 1.09 14.56
N SER A 411 28.55 0.99 13.40
CA SER A 411 29.28 2.11 12.83
C SER A 411 28.41 3.01 11.97
N ALA A 412 27.10 2.77 11.95
CA ALA A 412 26.20 3.60 11.17
C ALA A 412 25.99 4.96 11.83
N LYS A 413 25.53 5.92 11.04
CA LYS A 413 25.30 7.27 11.51
C LYS A 413 23.85 7.53 11.91
N ASP A 414 23.02 6.48 11.94
CA ASP A 414 21.62 6.59 12.33
C ASP A 414 21.48 6.21 13.80
N THR A 415 20.99 7.14 14.62
CA THR A 415 20.91 6.90 16.06
C THR A 415 19.95 5.76 16.38
N LYS A 416 18.81 5.72 15.69
CA LYS A 416 17.80 4.71 15.99
C LYS A 416 18.36 3.30 15.91
N ILE A 417 19.10 3.00 14.83
CA ILE A 417 19.63 1.65 14.68
C ILE A 417 20.66 1.35 15.76
N ILE A 418 21.43 2.37 16.18
CA ILE A 418 22.40 2.14 17.26
C ILE A 418 21.68 1.76 18.54
N GLN A 419 20.61 2.50 18.89
CA GLN A 419 19.84 2.16 20.08
C GLN A 419 19.28 0.74 19.97
N VAL A 420 18.71 0.40 18.81
CA VAL A 420 18.11 -0.92 18.61
C VAL A 420 19.17 -2.00 18.81
N ILE A 421 20.35 -1.82 18.22
CA ILE A 421 21.39 -2.83 18.30
C ILE A 421 21.89 -2.97 19.74
N LEU A 422 22.06 -1.84 20.44
CA LEU A 422 22.54 -1.91 21.82
C LEU A 422 21.51 -2.61 22.71
N ASP A 423 20.22 -2.38 22.47
CA ASP A 423 19.20 -3.09 23.24
C ASP A 423 19.23 -4.59 22.94
N ALA A 424 19.40 -4.95 21.67
CA ALA A 424 19.55 -6.37 21.33
C ALA A 424 20.74 -6.98 22.06
N ILE A 425 21.86 -6.26 22.10
CA ILE A 425 23.05 -6.75 22.79
C ILE A 425 22.76 -6.95 24.27
N SER A 426 22.04 -6.00 24.88
CA SER A 426 21.69 -6.14 26.29
C SER A 426 20.85 -7.39 26.52
N ASN A 427 19.87 -7.65 25.64
CA ASN A 427 19.04 -8.83 25.82
C ASN A 427 19.86 -10.11 25.68
N ILE A 428 20.75 -10.16 24.68
CA ILE A 428 21.59 -11.34 24.51
C ILE A 428 22.49 -11.53 25.72
N PHE A 429 22.99 -10.44 26.29
CA PHE A 429 23.83 -10.53 27.47
C PHE A 429 23.04 -11.04 28.67
N GLN A 430 21.77 -10.64 28.77
CA GLN A 430 20.93 -11.17 29.85
C GLN A 430 20.74 -12.67 29.71
N ALA A 431 20.50 -13.13 28.48
CA ALA A 431 20.43 -14.58 28.25
C ALA A 431 21.74 -15.26 28.67
N ALA A 432 22.87 -14.68 28.29
CA ALA A 432 24.16 -15.24 28.67
C ALA A 432 24.28 -15.32 30.19
N GLU A 433 23.94 -14.23 30.88
CA GLU A 433 23.90 -14.25 32.34
C GLU A 433 23.12 -15.45 32.85
N LYS A 434 21.88 -15.60 32.38
CA LYS A 434 21.08 -16.76 32.79
C LYS A 434 21.81 -18.06 32.52
N LEU A 435 22.69 -18.08 31.52
CA LEU A 435 23.49 -19.27 31.22
C LEU A 435 24.88 -19.25 31.85
N GLY A 436 25.27 -18.16 32.50
CA GLY A 436 26.61 -18.06 33.04
C GLY A 436 27.68 -18.06 31.97
N GLU A 437 27.38 -17.54 30.79
CA GLU A 437 28.30 -17.50 29.67
C GLU A 437 28.67 -16.07 29.27
N THR A 438 28.42 -15.11 30.16
CA THR A 438 28.62 -13.70 29.82
C THR A 438 30.04 -13.44 29.32
N GLU A 439 31.05 -14.08 29.92
CA GLU A 439 32.42 -13.83 29.51
C GLU A 439 32.68 -14.31 28.10
N LYS A 440 32.04 -15.40 27.68
CA LYS A 440 32.27 -15.92 26.34
C LYS A 440 31.67 -15.00 25.28
N LEU A 441 30.45 -14.52 25.53
CA LEU A 441 29.87 -13.50 24.66
C LEU A 441 30.72 -12.24 24.63
N SER A 442 31.27 -11.87 25.79
CA SER A 442 32.19 -10.73 25.86
C SER A 442 33.37 -10.94 24.91
N ILE A 443 33.98 -12.13 24.97
CA ILE A 443 35.12 -12.44 24.12
C ILE A 443 34.72 -12.39 22.65
N MET A 444 33.55 -12.94 22.31
CA MET A 444 33.08 -12.88 20.94
C MET A 444 32.95 -11.44 20.46
N ILE A 445 32.31 -10.59 21.28
CA ILE A 445 32.10 -9.20 20.90
C ILE A 445 33.43 -8.47 20.76
N GLU A 446 34.44 -8.90 21.53
CA GLU A 446 35.76 -8.28 21.40
C GLU A 446 36.46 -8.73 20.12
N GLU A 447 36.34 -10.01 19.78
CA GLU A 447 37.10 -10.56 18.65
C GLU A 447 36.69 -9.93 17.33
N CYS A 448 35.39 -9.76 17.12
CA CYS A 448 34.89 -9.19 15.86
C CYS A 448 35.05 -7.67 15.80
N GLY A 449 35.55 -7.04 16.85
CA GLY A 449 35.75 -5.60 16.85
C GLY A 449 34.60 -4.79 17.39
N GLY A 450 33.66 -5.42 18.10
CA GLY A 450 32.53 -4.69 18.63
C GLY A 450 32.84 -3.91 19.89
N LEU A 451 33.83 -4.36 20.66
CA LEU A 451 34.21 -3.64 21.87
C LEU A 451 34.64 -2.22 21.55
N ASP A 452 35.44 -2.04 20.50
CA ASP A 452 35.87 -0.69 20.12
C ASP A 452 34.67 0.17 19.73
N LYS A 453 33.71 -0.41 19.02
CA LYS A 453 32.51 0.33 18.64
C LYS A 453 31.74 0.79 19.88
N ILE A 454 31.52 -0.13 20.83
CA ILE A 454 30.79 0.23 22.04
C ILE A 454 31.54 1.29 22.83
N GLU A 455 32.87 1.17 22.90
CA GLU A 455 33.67 2.18 23.60
C GLU A 455 33.50 3.54 22.94
N ALA A 456 33.53 3.59 21.61
CA ALA A 456 33.31 4.85 20.92
C ALA A 456 31.92 5.40 21.20
N LEU A 457 30.93 4.52 21.30
CA LEU A 457 29.57 4.96 21.59
C LEU A 457 29.46 5.59 22.97
N GLN A 458 30.34 5.19 23.90
CA GLN A 458 30.37 5.83 25.22
C GLN A 458 30.48 7.35 25.11
N ARG A 459 30.98 7.85 23.99
CA ARG A 459 31.14 9.29 23.75
C ARG A 459 30.29 9.66 22.53
N HIS A 460 28.98 9.61 22.68
CA HIS A 460 28.04 9.85 21.60
C HIS A 460 27.08 10.97 22.00
N GLU A 461 26.48 11.59 20.98
CA GLU A 461 25.58 12.71 21.21
C GLU A 461 24.37 12.28 22.05
N ASN A 462 23.61 11.32 21.55
CA ASN A 462 22.38 10.91 22.23
C ASN A 462 22.68 10.43 23.64
N GLU A 463 21.73 10.66 24.55
CA GLU A 463 21.91 10.26 25.94
C GLU A 463 21.67 8.77 26.13
N SER A 464 20.71 8.20 25.40
CA SER A 464 20.43 6.77 25.54
C SER A 464 21.61 5.94 25.05
N VAL A 465 22.22 6.33 23.93
CA VAL A 465 23.41 5.62 23.45
C VAL A 465 24.52 5.69 24.48
N TYR A 466 24.82 6.90 24.96
CA TYR A 466 25.75 7.12 26.05
C TYR A 466 25.51 6.11 27.19
N LYS A 467 24.30 6.15 27.75
CA LYS A 467 24.00 5.36 28.94
C LYS A 467 24.12 3.86 28.66
N ALA A 468 23.54 3.40 27.55
CA ALA A 468 23.54 1.96 27.27
C ALA A 468 24.96 1.46 27.00
N SER A 469 25.73 2.20 26.21
CA SER A 469 27.11 1.79 25.93
C SER A 469 27.92 1.74 27.22
N LEU A 470 27.79 2.75 28.08
CA LEU A 470 28.57 2.74 29.31
C LEU A 470 28.10 1.62 30.24
N ASN A 471 26.80 1.36 30.30
CA ASN A 471 26.29 0.24 31.09
C ASN A 471 26.90 -1.07 30.60
N LEU A 472 26.90 -1.29 29.29
CA LEU A 472 27.48 -2.52 28.76
C LEU A 472 28.96 -2.62 29.11
N ILE A 473 29.71 -1.53 28.91
CA ILE A 473 31.15 -1.58 29.14
C ILE A 473 31.46 -1.82 30.62
N GLU A 474 30.62 -1.29 31.52
CA GLU A 474 30.88 -1.40 32.95
C GLU A 474 30.32 -2.68 33.56
N LYS A 475 29.35 -3.32 32.91
CA LYS A 475 28.73 -4.52 33.46
C LYS A 475 29.26 -5.81 32.83
N TYR A 476 29.79 -5.74 31.60
CA TYR A 476 30.27 -6.94 30.91
C TYR A 476 31.70 -6.82 30.40
N PHE A 477 32.31 -5.64 30.48
CA PHE A 477 33.65 -5.45 29.94
C PHE A 477 34.54 -4.74 30.96
N ARG B 4 5.80 -4.29 20.71
CA ARG B 4 6.93 -4.01 19.83
C ARG B 4 6.53 -4.07 18.36
N LYS B 5 5.24 -4.26 18.09
CA LYS B 5 4.75 -4.25 16.72
C LYS B 5 4.80 -2.83 16.17
N ARG B 6 5.29 -2.69 14.94
CA ARG B 6 5.48 -1.38 14.30
C ARG B 6 4.64 -1.35 13.03
N LYS B 7 3.60 -0.51 13.02
CA LYS B 7 2.75 -0.37 11.86
C LYS B 7 3.47 0.43 10.76
N PHE B 8 2.97 0.29 9.54
CA PHE B 8 3.57 0.99 8.40
C PHE B 8 3.66 2.49 8.68
N GLY B 9 4.90 2.99 8.75
CA GLY B 9 5.13 4.39 9.05
C GLY B 9 4.56 4.81 10.38
N THR B 24 3.27 -2.14 -13.05
CA THR B 24 4.33 -1.64 -12.20
C THR B 24 4.11 -2.05 -10.75
N SER B 25 5.19 -2.11 -9.97
CA SER B 25 5.09 -2.46 -8.56
C SER B 25 4.72 -1.29 -7.67
N THR B 26 4.76 -0.06 -8.18
CA THR B 26 4.35 1.09 -7.39
C THR B 26 2.85 1.05 -7.16
N PRO B 27 2.37 1.64 -6.05
CA PRO B 27 0.93 1.63 -5.80
C PRO B 27 0.18 2.28 -6.93
N PRO B 28 -1.08 1.89 -7.15
CA PRO B 28 -1.84 2.45 -8.27
C PRO B 28 -1.93 3.97 -8.17
N LYS B 29 -1.93 4.62 -9.32
CA LYS B 29 -2.04 6.06 -9.35
C LYS B 29 -3.35 6.49 -8.70
N PRO B 30 -3.35 7.51 -7.85
CA PRO B 30 -4.62 8.00 -7.31
C PRO B 30 -5.53 8.57 -8.37
N LYS B 31 -4.97 9.20 -9.41
CA LYS B 31 -5.73 9.79 -10.49
C LYS B 31 -5.14 9.34 -11.82
N LYS B 32 -6.00 9.21 -12.83
CA LYS B 32 -5.58 8.71 -14.13
C LYS B 32 -6.23 9.55 -15.22
N ASN B 33 -5.40 10.07 -16.12
CA ASN B 33 -5.90 10.71 -17.33
C ASN B 33 -6.18 9.65 -18.38
N ARG B 34 -7.23 9.87 -19.17
CA ARG B 34 -7.50 9.03 -20.34
C ARG B 34 -6.91 9.70 -21.57
N GLU B 35 -5.84 9.13 -22.10
CA GLU B 35 -5.17 9.69 -23.26
C GLU B 35 -5.90 9.32 -24.56
#